data_4DI5
#
_entry.id   4DI5
#
_cell.length_a   126.448
_cell.length_b   126.448
_cell.length_c   122.780
_cell.angle_alpha   90.000
_cell.angle_beta   90.000
_cell.angle_gamma   90.000
#
_symmetry.space_group_name_H-M   'P 41 21 2'
#
loop_
_entity.id
_entity.type
_entity.pdbx_description
1 polymer '5-epi-aristolochene synthase'
2 non-polymer 'ACETATE ION'
3 non-polymer Geraniline
4 non-polymer 'MAGNESIUM ION'
5 non-polymer DIPHOSPHATE
6 water water
#
_entity_poly.entity_id   1
_entity_poly.type   'polypeptide(L)'
_entity_poly.pdbx_seq_one_letter_code
;VRPVADFSPSLWGDQFLSFSIKNQVAEKYAKEIEALKEQTRNMLLATGMKLADTLNLIDTIERLGISYHFEKEIDDILDQ
IYNQNSNCNDLCTSALQFRLLRQHGFNISPEIFSKFQDENGKFKESLASDVLGLLNLYEASHVRTHADDILEDALAFSTI
HLESAAPHLKSPLREQVTHALEQCLHKGVPRVETRFFISSIYDKEQSKNNVLLRFAKLDFNLLQMLHKQELAQVSRWWKD
LDFVTTLPYARDRVVECYFWALGVYFEPQYSQARVMLVKTISMISIVDDTFDAYGTVKELEAYTDAIQRWDINEIDRLPD
YMKISYKAILDLYKDYEKELSSAGRSHIVCHAIERMKEVVRNYNVESTWFIEGYTPPVSEYLSNALATTTYYYLATTSYL
GMKSATEQDFEWLSKNPKILEASVIICRVIDDTATYEVEKSRGQIATGIECCMRDYGISTKEAMAKFQNMAETAWKDINE
GLLRPTPVSTEFLTPILNLARIVEVTYIHNLDGYTHPEKVLKPHIINLLVDSIKI
;
_entity_poly.pdbx_strand_id   A
#
# COMPACT_ATOMS: atom_id res chain seq x y z
N VAL A 1 16.72 13.88 24.92
CA VAL A 1 17.30 12.78 25.68
C VAL A 1 16.55 12.53 27.01
N ARG A 2 15.46 13.27 27.24
CA ARG A 2 14.69 13.15 28.48
C ARG A 2 13.17 12.95 28.33
N PRO A 3 12.64 12.91 27.09
CA PRO A 3 11.22 12.62 26.93
C PRO A 3 10.93 11.14 27.15
N VAL A 4 9.92 10.81 27.97
CA VAL A 4 9.52 9.42 28.18
C VAL A 4 8.50 8.97 27.13
N ALA A 5 8.98 8.19 26.15
CA ALA A 5 8.13 7.67 25.09
C ALA A 5 7.36 6.43 25.57
N ASP A 6 6.05 6.44 25.32
CA ASP A 6 5.20 5.34 25.73
C ASP A 6 5.01 4.37 24.57
N PHE A 7 6.11 3.98 23.92
CA PHE A 7 6.03 3.05 22.81
C PHE A 7 5.89 1.64 23.33
N SER A 8 4.74 1.02 23.05
CA SER A 8 4.58 -0.41 23.27
C SER A 8 5.75 -1.13 22.60
N PRO A 9 6.23 -2.22 23.20
CA PRO A 9 7.30 -2.95 22.52
C PRO A 9 6.73 -3.95 21.52
N SER A 10 7.60 -4.49 20.67
CA SER A 10 7.22 -5.46 19.67
C SER A 10 6.28 -6.51 20.22
N LEU A 11 5.22 -6.80 19.47
CA LEU A 11 4.23 -7.80 19.86
C LEU A 11 4.79 -9.20 19.72
N TRP A 12 5.83 -9.33 18.90
CA TRP A 12 6.19 -10.63 18.31
C TRP A 12 7.34 -11.41 18.98
N GLY A 13 8.17 -10.73 19.78
CA GLY A 13 9.36 -11.38 20.30
C GLY A 13 10.19 -12.03 19.20
N ASP A 14 10.59 -13.27 19.43
CA ASP A 14 11.48 -13.95 18.49
C ASP A 14 10.74 -14.95 17.57
N GLN A 15 9.41 -14.98 17.66
CA GLN A 15 8.64 -15.99 16.93
C GLN A 15 8.94 -16.05 15.44
N PHE A 16 9.59 -15.02 14.90
CA PHE A 16 9.84 -14.95 13.46
C PHE A 16 11.30 -15.18 13.13
N LEU A 17 12.10 -15.42 14.17
CA LEU A 17 13.56 -15.45 14.07
C LEU A 17 14.07 -16.65 13.28
N SER A 18 13.41 -17.79 13.46
CA SER A 18 13.82 -19.00 12.78
C SER A 18 12.68 -19.52 11.91
N PHE A 19 12.99 -19.76 10.64
CA PHE A 19 12.08 -20.50 9.80
C PHE A 19 12.88 -21.42 8.88
N SER A 20 12.61 -22.72 9.02
CA SER A 20 13.27 -23.75 8.24
C SER A 20 12.29 -24.31 7.23
N ILE A 21 12.45 -23.91 5.98
CA ILE A 21 11.55 -24.37 4.92
C ILE A 21 11.53 -25.90 4.82
N LYS A 22 10.33 -26.48 4.84
CA LYS A 22 10.15 -27.91 4.57
C LYS A 22 10.31 -28.17 3.08
N ASN A 23 11.53 -28.34 2.63
CA ASN A 23 11.84 -28.43 1.21
C ASN A 23 11.04 -29.47 0.44
N GLN A 24 10.55 -30.49 1.14
CA GLN A 24 9.74 -31.52 0.48
C GLN A 24 8.32 -31.03 0.23
N VAL A 25 7.73 -30.34 1.22
CA VAL A 25 6.42 -29.72 1.04
C VAL A 25 6.51 -28.69 -0.07
N ALA A 26 7.51 -27.82 0.04
CA ALA A 26 7.75 -26.80 -0.98
C ALA A 26 7.79 -27.39 -2.40
N GLU A 27 8.52 -28.49 -2.58
CA GLU A 27 8.70 -29.06 -3.91
C GLU A 27 7.43 -29.73 -4.40
N LYS A 28 6.67 -30.29 -3.46
CA LYS A 28 5.38 -30.88 -3.75
C LYS A 28 4.39 -29.79 -4.20
N TYR A 29 4.18 -28.80 -3.34
CA TYR A 29 3.38 -27.61 -3.68
C TYR A 29 3.77 -27.05 -5.05
N ALA A 30 5.06 -26.84 -5.25
CA ALA A 30 5.52 -26.28 -6.53
C ALA A 30 5.13 -27.14 -7.72
N LYS A 31 5.32 -28.45 -7.60
CA LYS A 31 5.03 -29.35 -8.70
C LYS A 31 3.55 -29.35 -9.07
N GLU A 32 2.64 -29.46 -8.08
CA GLU A 32 1.22 -29.48 -8.39
C GLU A 32 0.77 -28.17 -9.06
N ILE A 33 1.29 -27.06 -8.55
CA ILE A 33 0.97 -25.73 -9.04
C ILE A 33 1.28 -25.58 -10.53
N GLU A 34 2.40 -26.15 -10.97
CA GLU A 34 2.73 -26.09 -12.38
C GLU A 34 1.54 -26.61 -13.17
N ALA A 35 0.95 -27.70 -12.68
CA ALA A 35 -0.16 -28.33 -13.36
C ALA A 35 -1.41 -27.48 -13.27
N LEU A 36 -1.70 -26.96 -12.08
CA LEU A 36 -2.90 -26.17 -11.90
C LEU A 36 -2.75 -24.86 -12.69
N LYS A 37 -1.54 -24.34 -12.73
CA LYS A 37 -1.24 -23.14 -13.52
C LYS A 37 -1.62 -23.37 -14.96
N GLU A 38 -1.14 -24.48 -15.52
CA GLU A 38 -1.44 -24.80 -16.89
C GLU A 38 -2.93 -24.98 -17.16
N GLN A 39 -3.64 -25.67 -16.29
CA GLN A 39 -5.09 -25.81 -16.45
C GLN A 39 -5.74 -24.43 -16.43
N THR A 40 -5.31 -23.59 -15.48
CA THR A 40 -5.89 -22.27 -15.35
C THR A 40 -5.61 -21.44 -16.60
N ARG A 41 -4.41 -21.60 -17.16
CA ARG A 41 -4.08 -20.88 -18.40
C ARG A 41 -5.07 -21.23 -19.49
N ASN A 42 -5.37 -22.52 -19.66
CA ASN A 42 -6.31 -22.98 -20.68
C ASN A 42 -7.72 -22.49 -20.42
N MET A 43 -8.07 -22.34 -19.15
CA MET A 43 -9.34 -21.71 -18.79
C MET A 43 -9.43 -20.30 -19.41
N LEU A 44 -8.34 -19.53 -19.28
CA LEU A 44 -8.30 -18.18 -19.84
C LEU A 44 -8.36 -18.18 -21.37
N LEU A 45 -7.67 -19.13 -21.99
CA LEU A 45 -7.60 -19.20 -23.45
C LEU A 45 -8.80 -19.91 -24.06
N ALA A 46 -9.77 -20.27 -23.24
CA ALA A 46 -10.96 -20.93 -23.78
C ALA A 46 -11.63 -19.97 -24.77
N THR A 47 -12.04 -20.53 -25.90
CA THR A 47 -12.64 -19.75 -26.98
C THR A 47 -14.16 -19.68 -26.83
N GLY A 48 -14.75 -18.66 -27.43
CA GLY A 48 -16.20 -18.48 -27.38
C GLY A 48 -16.79 -18.50 -25.98
N MET A 49 -16.25 -17.64 -25.11
CA MET A 49 -16.81 -17.42 -23.78
C MET A 49 -17.68 -16.17 -23.81
N LYS A 50 -18.81 -16.20 -23.10
CA LYS A 50 -19.59 -14.98 -22.92
C LYS A 50 -18.71 -13.89 -22.30
N LEU A 51 -19.07 -12.62 -22.53
CA LEU A 51 -18.29 -11.54 -21.96
C LEU A 51 -18.29 -11.66 -20.44
N ALA A 52 -19.48 -11.75 -19.87
CA ALA A 52 -19.66 -11.77 -18.42
C ALA A 52 -18.92 -12.93 -17.77
N ASP A 53 -18.78 -14.05 -18.47
CA ASP A 53 -18.05 -15.19 -17.91
C ASP A 53 -16.54 -14.98 -17.95
N THR A 54 -16.07 -14.19 -18.90
CA THR A 54 -14.64 -13.93 -19.04
C THR A 54 -14.20 -12.93 -17.96
N LEU A 55 -15.04 -11.94 -17.73
CA LEU A 55 -14.76 -10.92 -16.74
C LEU A 55 -14.79 -11.54 -15.33
N ASN A 56 -15.70 -12.49 -15.10
CA ASN A 56 -15.78 -13.14 -13.78
C ASN A 56 -14.59 -14.06 -13.56
N LEU A 57 -14.19 -14.72 -14.65
CA LEU A 57 -12.99 -15.54 -14.62
C LEU A 57 -11.80 -14.68 -14.19
N ILE A 58 -11.49 -13.63 -14.95
CA ILE A 58 -10.36 -12.75 -14.62
C ILE A 58 -10.46 -12.16 -13.22
N ASP A 59 -11.66 -11.75 -12.82
CA ASP A 59 -11.87 -11.15 -11.49
C ASP A 59 -11.54 -12.15 -10.39
N THR A 60 -12.02 -13.37 -10.56
CA THR A 60 -11.80 -14.42 -9.59
C THR A 60 -10.32 -14.78 -9.50
N ILE A 61 -9.69 -14.98 -10.65
CA ILE A 61 -8.26 -15.23 -10.62
C ILE A 61 -7.54 -14.05 -9.95
N GLU A 62 -8.03 -12.84 -10.17
CA GLU A 62 -7.37 -11.68 -9.57
C GLU A 62 -7.57 -11.65 -8.08
N ARG A 63 -8.81 -11.86 -7.64
CA ARG A 63 -9.11 -11.84 -6.21
C ARG A 63 -8.46 -13.02 -5.45
N LEU A 64 -8.22 -14.14 -6.14
CA LEU A 64 -7.58 -15.31 -5.53
C LEU A 64 -6.07 -15.10 -5.45
N GLY A 65 -5.59 -13.96 -5.92
CA GLY A 65 -4.19 -13.61 -5.81
C GLY A 65 -3.22 -14.35 -6.72
N ILE A 66 -3.74 -15.00 -7.75
CA ILE A 66 -2.89 -15.80 -8.65
C ILE A 66 -2.76 -15.15 -10.03
N SER A 67 -3.29 -13.93 -10.17
CA SER A 67 -3.28 -13.29 -11.49
C SER A 67 -1.87 -12.98 -11.99
N TYR A 68 -0.89 -12.88 -11.11
CA TYR A 68 0.47 -12.55 -11.53
C TYR A 68 1.14 -13.63 -12.38
N HIS A 69 0.49 -14.80 -12.51
CA HIS A 69 0.97 -15.88 -13.36
C HIS A 69 0.49 -15.70 -14.81
N PHE A 70 -0.51 -14.84 -14.98
CA PHE A 70 -1.19 -14.70 -16.26
C PHE A 70 -1.32 -13.23 -16.66
N GLU A 71 -0.23 -12.48 -16.53
CA GLU A 71 -0.25 -11.06 -16.86
C GLU A 71 -0.48 -10.83 -18.34
N LYS A 72 0.28 -11.55 -19.18
CA LYS A 72 0.05 -11.50 -20.61
C LYS A 72 -1.36 -11.94 -20.95
N GLU A 73 -1.73 -13.15 -20.54
CA GLU A 73 -3.04 -13.70 -20.88
C GLU A 73 -4.17 -12.74 -20.50
N ILE A 74 -4.10 -12.20 -19.28
CA ILE A 74 -5.16 -11.34 -18.79
C ILE A 74 -5.13 -10.02 -19.54
N ASP A 75 -3.94 -9.60 -19.95
CA ASP A 75 -3.85 -8.35 -20.66
C ASP A 75 -4.49 -8.49 -22.04
N ASP A 76 -3.99 -9.43 -22.84
CA ASP A 76 -4.51 -9.64 -24.19
C ASP A 76 -6.03 -9.66 -24.22
N ILE A 77 -6.63 -10.35 -23.25
CA ILE A 77 -8.08 -10.47 -23.18
C ILE A 77 -8.78 -9.14 -22.86
N LEU A 78 -8.19 -8.36 -21.96
CA LEU A 78 -8.77 -7.06 -21.63
C LEU A 78 -8.57 -6.06 -22.77
N ASP A 79 -7.40 -6.12 -23.41
CA ASP A 79 -7.13 -5.28 -24.55
C ASP A 79 -8.25 -5.53 -25.54
N GLN A 80 -8.44 -6.79 -25.90
CA GLN A 80 -9.50 -7.17 -26.84
C GLN A 80 -10.87 -6.64 -26.43
N ILE A 81 -11.21 -6.75 -25.15
CA ILE A 81 -12.52 -6.29 -24.67
C ILE A 81 -12.67 -4.78 -24.76
N TYR A 82 -11.56 -4.07 -24.58
CA TYR A 82 -11.53 -2.61 -24.58
C TYR A 82 -11.82 -2.09 -25.96
N ASN A 83 -11.09 -2.64 -26.92
CA ASN A 83 -11.18 -2.26 -28.32
C ASN A 83 -12.47 -2.74 -29.01
N GLN A 84 -13.36 -3.40 -28.27
CA GLN A 84 -14.59 -3.94 -28.85
C GLN A 84 -15.84 -3.11 -28.51
N ASN A 85 -15.72 -2.21 -27.52
CA ASN A 85 -16.89 -1.48 -27.03
C ASN A 85 -18.13 -2.37 -27.07
N SER A 86 -18.38 -3.07 -25.96
CA SER A 86 -19.19 -4.29 -25.98
C SER A 86 -20.70 -4.16 -25.75
N ASN A 87 -21.38 -5.29 -25.96
CA ASN A 87 -22.83 -5.35 -25.93
C ASN A 87 -23.39 -6.33 -24.88
N CYS A 88 -22.67 -6.52 -23.77
CA CYS A 88 -23.30 -7.04 -22.56
C CYS A 88 -23.41 -5.90 -21.56
N ASN A 89 -24.65 -5.47 -21.33
CA ASN A 89 -24.86 -4.17 -20.71
C ASN A 89 -25.82 -4.21 -19.51
N ASP A 90 -25.79 -5.27 -18.71
CA ASP A 90 -26.46 -5.20 -17.42
C ASP A 90 -25.51 -4.56 -16.42
N LEU A 91 -26.04 -3.93 -15.38
CA LEU A 91 -25.20 -3.18 -14.43
C LEU A 91 -24.01 -3.96 -13.90
N CYS A 92 -24.26 -5.19 -13.45
CA CYS A 92 -23.23 -6.03 -12.90
C CYS A 92 -22.06 -6.13 -13.85
N THR A 93 -22.34 -6.46 -15.11
CA THR A 93 -21.28 -6.75 -16.07
C THR A 93 -20.57 -5.48 -16.52
N SER A 94 -21.29 -4.37 -16.56
CA SER A 94 -20.74 -3.09 -17.01
C SER A 94 -19.77 -2.49 -15.99
N ALA A 95 -20.21 -2.41 -14.73
CA ALA A 95 -19.35 -1.95 -13.64
C ALA A 95 -18.07 -2.78 -13.50
N LEU A 96 -18.16 -4.09 -13.69
CA LEU A 96 -16.98 -4.97 -13.59
C LEU A 96 -16.04 -4.75 -14.78
N GLN A 97 -16.63 -4.62 -15.97
CA GLN A 97 -15.89 -4.28 -17.17
C GLN A 97 -15.14 -2.97 -16.93
N PHE A 98 -15.88 -1.95 -16.52
CA PHE A 98 -15.27 -0.67 -16.25
C PHE A 98 -14.08 -0.80 -15.29
N ARG A 99 -14.31 -1.51 -14.16
CA ARG A 99 -13.29 -1.57 -13.10
C ARG A 99 -12.04 -2.31 -13.57
N LEU A 100 -12.22 -3.45 -14.23
CA LEU A 100 -11.07 -4.26 -14.61
C LEU A 100 -10.21 -3.54 -15.65
N LEU A 101 -10.85 -2.92 -16.64
CA LEU A 101 -10.13 -2.20 -17.67
C LEU A 101 -9.42 -0.98 -17.09
N ARG A 102 -10.16 -0.18 -16.35
CA ARG A 102 -9.53 0.95 -15.69
C ARG A 102 -8.34 0.55 -14.79
N GLN A 103 -8.46 -0.52 -14.01
CA GLN A 103 -7.37 -0.90 -13.10
C GLN A 103 -6.15 -1.32 -13.89
N HIS A 104 -6.38 -1.68 -15.15
CA HIS A 104 -5.31 -2.13 -16.05
C HIS A 104 -4.87 -1.03 -17.02
N GLY A 105 -5.40 0.18 -16.82
CA GLY A 105 -4.93 1.35 -17.54
C GLY A 105 -5.69 1.64 -18.82
N PHE A 106 -6.71 0.83 -19.10
CA PHE A 106 -7.55 1.01 -20.28
C PHE A 106 -8.58 2.10 -20.05
N ASN A 107 -8.40 3.24 -20.71
CA ASN A 107 -9.29 4.37 -20.47
C ASN A 107 -10.70 4.17 -21.03
N ILE A 108 -11.37 3.10 -20.62
CA ILE A 108 -12.76 2.88 -21.04
C ILE A 108 -13.62 4.06 -20.61
N SER A 109 -14.50 4.52 -21.50
CA SER A 109 -15.33 5.68 -21.22
C SER A 109 -16.33 5.39 -20.11
N PRO A 110 -16.59 6.38 -19.25
CA PRO A 110 -17.61 6.18 -18.21
C PRO A 110 -19.02 6.36 -18.77
N GLU A 111 -19.14 6.55 -20.08
CA GLU A 111 -20.45 6.70 -20.70
C GLU A 111 -21.23 5.39 -20.61
N ILE A 112 -20.51 4.30 -20.34
CA ILE A 112 -21.15 3.00 -20.22
C ILE A 112 -22.26 3.00 -19.16
N PHE A 113 -22.16 3.91 -18.20
CA PHE A 113 -23.10 3.97 -17.09
C PHE A 113 -24.33 4.83 -17.34
N SER A 114 -24.41 5.47 -18.51
CA SER A 114 -25.57 6.33 -18.80
C SER A 114 -26.89 5.54 -18.86
N LYS A 115 -26.88 4.41 -19.56
CA LYS A 115 -28.07 3.56 -19.63
C LYS A 115 -28.65 3.19 -18.25
N PHE A 116 -27.91 3.45 -17.17
CA PHE A 116 -28.40 3.12 -15.82
C PHE A 116 -28.85 4.33 -15.04
N GLN A 117 -28.79 5.50 -15.67
CA GLN A 117 -29.16 6.74 -14.99
C GLN A 117 -30.37 7.40 -15.64
N ASP A 118 -31.09 8.17 -14.84
CA ASP A 118 -32.23 8.92 -15.33
C ASP A 118 -31.74 10.07 -16.20
N GLU A 119 -32.65 10.99 -16.52
N GLU A 119 -32.66 10.98 -16.53
CA GLU A 119 -32.30 12.18 -17.30
CA GLU A 119 -32.33 12.17 -17.31
C GLU A 119 -31.53 13.18 -16.44
C GLU A 119 -31.68 13.25 -16.43
N ASN A 120 -31.65 13.00 -15.13
CA ASN A 120 -31.01 13.91 -14.17
C ASN A 120 -29.55 13.51 -13.85
N GLY A 121 -29.06 12.44 -14.46
CA GLY A 121 -27.73 11.94 -14.17
C GLY A 121 -27.63 11.23 -12.82
N LYS A 122 -28.76 10.79 -12.30
CA LYS A 122 -28.80 10.03 -11.06
C LYS A 122 -29.07 8.57 -11.39
N PHE A 123 -28.42 7.65 -10.65
CA PHE A 123 -28.64 6.22 -10.89
C PHE A 123 -30.12 5.87 -10.69
N LYS A 124 -30.64 5.03 -11.59
CA LYS A 124 -32.02 4.58 -11.50
C LYS A 124 -32.21 3.80 -10.20
N GLU A 125 -33.10 4.27 -9.32
CA GLU A 125 -33.43 3.56 -8.08
C GLU A 125 -34.10 2.21 -8.34
N SER A 126 -34.49 1.96 -9.57
CA SER A 126 -35.08 0.67 -9.89
C SER A 126 -34.03 -0.44 -9.82
N LEU A 127 -32.77 -0.05 -9.68
CA LEU A 127 -31.64 -1.00 -9.68
C LEU A 127 -31.29 -1.42 -8.25
N ALA A 128 -31.95 -0.79 -7.29
CA ALA A 128 -31.64 -0.99 -5.88
C ALA A 128 -31.89 -2.43 -5.40
N SER A 129 -32.46 -3.27 -6.27
CA SER A 129 -32.76 -4.64 -5.92
C SER A 129 -31.91 -5.60 -6.74
N ASP A 130 -30.83 -5.09 -7.31
CA ASP A 130 -29.90 -5.92 -8.06
C ASP A 130 -28.60 -5.88 -7.26
N VAL A 131 -28.46 -6.83 -6.34
CA VAL A 131 -27.38 -6.77 -5.35
C VAL A 131 -26.00 -6.99 -5.94
N LEU A 132 -25.87 -7.96 -6.83
CA LEU A 132 -24.61 -8.17 -7.53
C LEU A 132 -24.22 -6.94 -8.35
N GLY A 133 -25.21 -6.26 -8.92
CA GLY A 133 -24.96 -5.06 -9.69
C GLY A 133 -24.47 -3.96 -8.79
N LEU A 134 -25.19 -3.75 -7.69
CA LEU A 134 -24.80 -2.76 -6.71
C LEU A 134 -23.39 -2.99 -6.15
N LEU A 135 -23.01 -4.24 -5.96
CA LEU A 135 -21.70 -4.55 -5.41
C LEU A 135 -20.60 -4.15 -6.39
N ASN A 136 -20.73 -4.56 -7.64
CA ASN A 136 -19.76 -4.19 -8.65
C ASN A 136 -19.73 -2.69 -8.96
N LEU A 137 -20.88 -2.03 -8.86
CA LEU A 137 -20.92 -0.59 -9.02
C LEU A 137 -20.10 -0.02 -7.89
N TYR A 138 -20.31 -0.54 -6.69
CA TYR A 138 -19.64 -0.03 -5.50
C TYR A 138 -18.13 -0.11 -5.65
N GLU A 139 -17.62 -1.30 -5.99
CA GLU A 139 -16.19 -1.46 -6.23
C GLU A 139 -15.69 -0.52 -7.35
N ALA A 140 -16.48 -0.38 -8.41
CA ALA A 140 -16.08 0.45 -9.54
C ALA A 140 -15.95 1.89 -9.11
N SER A 141 -16.82 2.32 -8.20
CA SER A 141 -16.85 3.73 -7.82
C SER A 141 -15.54 4.23 -7.22
N HIS A 142 -14.73 3.31 -6.71
CA HIS A 142 -13.45 3.66 -6.10
C HIS A 142 -12.30 3.85 -7.11
N VAL A 143 -12.57 3.60 -8.40
CA VAL A 143 -11.57 3.85 -9.44
C VAL A 143 -11.88 5.09 -10.32
N ARG A 144 -12.70 6.00 -9.81
N ARG A 144 -12.72 5.99 -9.85
CA ARG A 144 -12.99 7.29 -10.47
CA ARG A 144 -13.04 7.19 -10.62
C ARG A 144 -11.70 8.04 -10.80
C ARG A 144 -11.82 8.10 -10.77
N THR A 145 -11.67 8.69 -11.97
CA THR A 145 -10.73 9.81 -12.18
C THR A 145 -11.55 11.09 -12.16
N HIS A 146 -10.90 12.23 -12.37
CA HIS A 146 -11.60 13.53 -12.38
C HIS A 146 -12.50 13.70 -13.60
N ALA A 147 -12.25 12.92 -14.64
CA ALA A 147 -13.09 12.91 -15.83
C ALA A 147 -14.40 12.14 -15.66
N ASP A 148 -14.60 11.49 -14.52
CA ASP A 148 -15.71 10.55 -14.36
C ASP A 148 -16.80 11.08 -13.44
N ASP A 149 -17.21 12.33 -13.63
CA ASP A 149 -18.23 12.94 -12.78
C ASP A 149 -19.54 12.18 -12.89
N ILE A 150 -19.72 11.49 -14.01
CA ILE A 150 -20.88 10.65 -14.23
C ILE A 150 -21.07 9.60 -13.12
N LEU A 151 -19.97 9.26 -12.43
CA LEU A 151 -19.98 8.29 -11.33
C LEU A 151 -20.07 8.91 -9.95
N GLU A 152 -20.28 10.23 -9.90
CA GLU A 152 -20.20 10.99 -8.65
C GLU A 152 -21.15 10.51 -7.57
N ASP A 153 -22.22 9.83 -7.95
CA ASP A 153 -23.14 9.31 -6.94
C ASP A 153 -23.16 7.79 -6.81
N ALA A 154 -22.39 7.10 -7.65
CA ALA A 154 -22.32 5.65 -7.62
C ALA A 154 -22.02 5.14 -6.21
N LEU A 155 -21.14 5.84 -5.50
CA LEU A 155 -20.70 5.38 -4.18
C LEU A 155 -21.78 5.46 -3.09
N ALA A 156 -22.47 6.59 -3.03
CA ALA A 156 -23.58 6.78 -2.09
C ALA A 156 -24.79 5.94 -2.49
N PHE A 157 -25.05 5.85 -3.79
CA PHE A 157 -26.16 5.02 -4.26
C PHE A 157 -25.93 3.57 -3.84
N SER A 158 -24.82 2.99 -4.29
CA SER A 158 -24.55 1.58 -4.00
C SER A 158 -24.42 1.30 -2.51
N THR A 159 -23.83 2.22 -1.76
CA THR A 159 -23.62 1.99 -0.33
C THR A 159 -24.94 1.87 0.43
N ILE A 160 -25.84 2.83 0.24
CA ILE A 160 -27.09 2.85 0.99
C ILE A 160 -27.90 1.57 0.74
N HIS A 161 -27.83 1.08 -0.49
CA HIS A 161 -28.61 -0.08 -0.88
C HIS A 161 -27.92 -1.40 -0.54
N LEU A 162 -26.59 -1.44 -0.57
CA LEU A 162 -25.92 -2.63 -0.07
C LEU A 162 -26.15 -2.74 1.42
N GLU A 163 -26.06 -1.63 2.13
CA GLU A 163 -26.28 -1.65 3.57
C GLU A 163 -27.65 -2.24 3.90
N SER A 164 -28.63 -1.84 3.12
CA SER A 164 -30.02 -2.19 3.40
C SER A 164 -30.30 -3.65 3.07
N ALA A 165 -29.67 -4.14 2.00
CA ALA A 165 -29.86 -5.50 1.56
C ALA A 165 -29.05 -6.53 2.39
N ALA A 166 -27.90 -6.11 2.91
CA ALA A 166 -26.88 -7.07 3.37
C ALA A 166 -27.39 -8.13 4.34
N PRO A 167 -28.16 -7.71 5.34
CA PRO A 167 -28.48 -8.65 6.43
C PRO A 167 -29.34 -9.84 6.00
N HIS A 168 -29.96 -9.78 4.83
CA HIS A 168 -30.84 -10.87 4.39
C HIS A 168 -30.22 -11.71 3.29
N LEU A 169 -28.97 -11.42 2.95
CA LEU A 169 -28.34 -12.15 1.86
C LEU A 169 -27.84 -13.51 2.32
N LYS A 170 -27.77 -14.46 1.40
CA LYS A 170 -27.23 -15.77 1.69
C LYS A 170 -25.72 -15.62 1.90
N SER A 171 -25.09 -16.69 2.41
CA SER A 171 -23.63 -16.74 2.55
C SER A 171 -22.93 -17.51 1.43
N PRO A 172 -21.72 -17.07 1.02
CA PRO A 172 -20.95 -15.99 1.65
C PRO A 172 -21.14 -14.61 1.04
N LEU A 173 -22.11 -14.42 0.14
CA LEU A 173 -22.33 -13.09 -0.44
C LEU A 173 -22.48 -12.06 0.66
N ARG A 174 -23.26 -12.36 1.69
CA ARG A 174 -23.49 -11.38 2.76
C ARG A 174 -22.16 -10.91 3.29
N GLU A 175 -21.22 -11.85 3.43
CA GLU A 175 -19.91 -11.56 4.04
C GLU A 175 -19.05 -10.77 3.07
N GLN A 176 -19.12 -11.11 1.78
CA GLN A 176 -18.41 -10.36 0.75
C GLN A 176 -18.88 -8.91 0.78
N VAL A 177 -20.19 -8.72 0.66
CA VAL A 177 -20.80 -7.40 0.73
C VAL A 177 -20.40 -6.63 1.99
N THR A 178 -20.57 -7.24 3.15
CA THR A 178 -20.23 -6.57 4.41
C THR A 178 -18.76 -6.12 4.44
N HIS A 179 -17.86 -7.00 3.98
CA HIS A 179 -16.44 -6.71 3.91
C HIS A 179 -16.15 -5.57 2.92
N ALA A 180 -16.84 -5.59 1.78
CA ALA A 180 -16.65 -4.53 0.77
C ALA A 180 -17.01 -3.17 1.34
N LEU A 181 -18.09 -3.11 2.11
CA LEU A 181 -18.48 -1.85 2.74
C LEU A 181 -17.43 -1.36 3.70
N GLU A 182 -16.74 -2.32 4.33
N GLU A 182 -16.74 -2.30 4.34
CA GLU A 182 -15.67 -2.00 5.27
CA GLU A 182 -15.66 -1.91 5.24
C GLU A 182 -14.36 -1.69 4.54
C GLU A 182 -14.38 -1.61 4.47
N GLN A 183 -14.07 -2.43 3.47
CA GLN A 183 -12.83 -2.28 2.72
C GLN A 183 -13.05 -2.57 1.25
N CYS A 184 -13.00 -1.53 0.42
CA CYS A 184 -13.22 -1.78 -1.00
C CYS A 184 -12.00 -2.50 -1.52
N LEU A 185 -12.17 -3.15 -2.66
CA LEU A 185 -11.08 -3.95 -3.25
C LEU A 185 -9.91 -3.08 -3.73
N HIS A 186 -10.21 -2.01 -4.49
CA HIS A 186 -9.19 -1.21 -5.17
C HIS A 186 -8.18 -0.56 -4.24
N LYS A 187 -8.61 -0.21 -3.03
CA LYS A 187 -7.73 0.47 -2.07
C LYS A 187 -7.24 -0.42 -0.91
N GLY A 188 -7.50 -1.71 -1.01
CA GLY A 188 -6.99 -2.63 -0.01
C GLY A 188 -5.61 -3.15 -0.36
N VAL A 189 -4.90 -3.66 0.64
CA VAL A 189 -3.63 -4.33 0.41
C VAL A 189 -3.89 -5.69 -0.27
N PRO A 190 -3.27 -5.94 -1.42
CA PRO A 190 -3.53 -7.14 -2.21
C PRO A 190 -3.44 -8.47 -1.43
N ARG A 191 -2.38 -8.73 -0.69
CA ARG A 191 -2.28 -9.96 0.08
C ARG A 191 -3.42 -10.05 1.10
N VAL A 192 -3.79 -8.92 1.69
CA VAL A 192 -4.84 -8.93 2.70
C VAL A 192 -6.18 -9.32 2.11
N GLU A 193 -6.50 -8.75 0.96
CA GLU A 193 -7.79 -9.02 0.34
C GLU A 193 -7.85 -10.43 -0.22
N THR A 194 -6.72 -10.88 -0.78
CA THR A 194 -6.58 -12.22 -1.32
C THR A 194 -6.75 -13.25 -0.23
N ARG A 195 -6.19 -12.99 0.94
CA ARG A 195 -6.30 -13.99 1.99
C ARG A 195 -7.74 -14.04 2.45
N PHE A 196 -8.40 -12.89 2.52
CA PHE A 196 -9.79 -12.86 2.93
C PHE A 196 -10.70 -13.52 1.89
N PHE A 197 -10.42 -13.26 0.61
CA PHE A 197 -11.27 -13.82 -0.43
C PHE A 197 -11.19 -15.36 -0.50
N ILE A 198 -9.98 -15.90 -0.50
CA ILE A 198 -9.78 -17.34 -0.54
C ILE A 198 -10.47 -18.04 0.62
N SER A 199 -10.13 -17.66 1.85
CA SER A 199 -10.60 -18.38 3.04
C SER A 199 -12.02 -18.07 3.43
N SER A 200 -12.38 -16.79 3.50
CA SER A 200 -13.71 -16.43 3.94
C SER A 200 -14.80 -16.48 2.86
N ILE A 201 -14.44 -16.27 1.60
CA ILE A 201 -15.49 -16.18 0.57
C ILE A 201 -15.46 -17.36 -0.41
N TYR A 202 -14.38 -17.50 -1.18
CA TYR A 202 -14.40 -18.42 -2.31
C TYR A 202 -14.55 -19.85 -1.81
N ASP A 203 -13.88 -20.13 -0.71
CA ASP A 203 -13.85 -21.46 -0.15
C ASP A 203 -15.25 -21.88 0.30
N LYS A 204 -16.12 -20.90 0.51
CA LYS A 204 -17.48 -21.16 1.01
C LYS A 204 -18.50 -20.92 -0.09
N GLU A 205 -18.01 -20.80 -1.30
N GLU A 205 -18.01 -20.74 -1.30
CA GLU A 205 -18.86 -20.59 -2.46
CA GLU A 205 -18.86 -20.44 -2.43
C GLU A 205 -19.48 -21.93 -2.86
C GLU A 205 -19.23 -21.76 -3.11
N GLN A 206 -20.73 -21.92 -3.29
N GLN A 206 -20.51 -22.11 -3.07
CA GLN A 206 -21.40 -23.17 -3.72
CA GLN A 206 -20.98 -23.37 -3.65
C GLN A 206 -20.96 -23.53 -5.14
C GLN A 206 -20.56 -23.57 -5.11
N SER A 207 -20.62 -22.51 -5.90
CA SER A 207 -20.24 -22.62 -7.31
C SER A 207 -18.71 -22.61 -7.51
N LYS A 208 -17.96 -22.50 -6.41
N LYS A 208 -17.96 -22.51 -6.41
CA LYS A 208 -16.52 -22.34 -6.50
CA LYS A 208 -16.51 -22.38 -6.47
C LYS A 208 -15.90 -23.33 -7.48
C LYS A 208 -15.89 -23.35 -7.46
N ASN A 209 -14.90 -22.87 -8.20
CA ASN A 209 -14.15 -23.73 -9.10
C ASN A 209 -13.00 -24.38 -8.33
N ASN A 210 -13.06 -25.71 -8.24
CA ASN A 210 -12.14 -26.46 -7.39
C ASN A 210 -10.70 -26.33 -7.81
N VAL A 211 -10.44 -26.30 -9.11
CA VAL A 211 -9.09 -26.13 -9.62
C VAL A 211 -8.51 -24.78 -9.19
N LEU A 212 -9.28 -23.71 -9.37
CA LEU A 212 -8.82 -22.37 -8.98
C LEU A 212 -8.65 -22.27 -7.48
N LEU A 213 -9.53 -22.90 -6.73
CA LEU A 213 -9.45 -22.83 -5.27
C LEU A 213 -8.18 -23.53 -4.75
N ARG A 214 -7.92 -24.72 -5.26
CA ARG A 214 -6.74 -25.44 -4.80
C ARG A 214 -5.51 -24.65 -5.19
N PHE A 215 -5.48 -24.23 -6.46
CA PHE A 215 -4.42 -23.37 -6.98
C PHE A 215 -4.14 -22.18 -6.05
N ALA A 216 -5.21 -21.46 -5.72
CA ALA A 216 -5.07 -20.25 -4.92
C ALA A 216 -4.48 -20.55 -3.57
N LYS A 217 -4.92 -21.66 -2.97
CA LYS A 217 -4.47 -22.03 -1.62
C LYS A 217 -3.00 -22.47 -1.58
N LEU A 218 -2.60 -23.31 -2.54
CA LEU A 218 -1.21 -23.76 -2.61
C LEU A 218 -0.26 -22.59 -2.85
N ASP A 219 -0.62 -21.74 -3.81
CA ASP A 219 0.22 -20.58 -4.16
C ASP A 219 0.38 -19.66 -2.95
N PHE A 220 -0.72 -19.20 -2.38
CA PHE A 220 -0.63 -18.37 -1.19
C PHE A 220 0.25 -18.98 -0.10
N ASN A 221 0.07 -20.27 0.17
CA ASN A 221 0.83 -20.93 1.22
C ASN A 221 2.28 -21.11 0.85
N LEU A 222 2.55 -21.25 -0.43
CA LEU A 222 3.93 -21.38 -0.89
C LEU A 222 4.68 -20.06 -0.84
N LEU A 223 4.09 -19.00 -1.40
CA LEU A 223 4.69 -17.68 -1.28
C LEU A 223 4.91 -17.34 0.19
N GLN A 224 3.97 -17.72 1.04
CA GLN A 224 4.11 -17.40 2.46
C GLN A 224 5.38 -18.01 3.05
N MET A 225 5.83 -19.14 2.50
CA MET A 225 7.05 -19.80 2.97
C MET A 225 8.22 -18.87 2.70
N LEU A 226 8.24 -18.31 1.49
CA LEU A 226 9.25 -17.34 1.10
C LEU A 226 9.24 -16.09 2.01
N HIS A 227 8.05 -15.54 2.24
CA HIS A 227 7.97 -14.33 3.05
C HIS A 227 8.49 -14.63 4.43
N LYS A 228 8.24 -15.83 4.92
CA LYS A 228 8.66 -16.18 6.26
C LYS A 228 10.19 -16.29 6.33
N GLN A 229 10.78 -16.86 5.28
CA GLN A 229 12.23 -16.87 5.12
C GLN A 229 12.76 -15.44 5.11
N GLU A 230 12.21 -14.59 4.23
CA GLU A 230 12.64 -13.20 4.17
C GLU A 230 12.54 -12.58 5.55
N LEU A 231 11.39 -12.72 6.20
CA LEU A 231 11.19 -12.08 7.50
C LEU A 231 12.17 -12.55 8.59
N ALA A 232 12.56 -13.82 8.48
CA ALA A 232 13.42 -14.42 9.48
C ALA A 232 14.80 -13.83 9.32
N GLN A 233 15.29 -13.88 8.08
CA GLN A 233 16.56 -13.30 7.71
C GLN A 233 16.65 -11.81 8.06
N VAL A 234 15.54 -11.11 7.88
CA VAL A 234 15.43 -9.69 8.22
C VAL A 234 15.38 -9.51 9.74
N SER A 235 14.77 -10.49 10.42
CA SER A 235 14.66 -10.44 11.88
C SER A 235 16.02 -10.64 12.56
N ARG A 236 16.87 -11.46 11.94
N ARG A 236 16.89 -11.45 11.95
CA ARG A 236 18.23 -11.67 12.42
CA ARG A 236 18.23 -11.62 12.49
C ARG A 236 19.03 -10.38 12.24
C ARG A 236 19.08 -10.38 12.23
N TRP A 237 18.93 -9.80 11.04
CA TRP A 237 19.59 -8.53 10.72
C TRP A 237 19.20 -7.43 11.73
N TRP A 238 17.92 -7.37 12.10
CA TRP A 238 17.44 -6.40 13.09
C TRP A 238 17.98 -6.73 14.48
N LYS A 239 18.20 -8.01 14.73
CA LYS A 239 18.66 -8.53 16.02
C LYS A 239 20.15 -8.22 16.22
N ASP A 240 20.96 -8.57 15.21
CA ASP A 240 22.41 -8.33 15.20
C ASP A 240 22.77 -6.84 15.11
N LEU A 241 21.91 -5.96 15.61
CA LEU A 241 22.26 -4.54 15.77
C LEU A 241 21.49 -3.91 16.94
N ASP A 242 20.50 -4.63 17.43
CA ASP A 242 20.07 -4.47 18.82
C ASP A 242 19.63 -3.04 19.20
N PHE A 243 19.02 -2.31 18.27
CA PHE A 243 18.41 -1.04 18.64
C PHE A 243 17.33 -1.25 19.69
N VAL A 244 16.93 -2.52 19.86
CA VAL A 244 15.93 -2.89 20.87
C VAL A 244 16.40 -2.40 22.24
N THR A 245 17.69 -2.58 22.50
CA THR A 245 18.30 -2.23 23.77
C THR A 245 19.14 -0.94 23.64
N THR A 246 20.05 -0.93 22.67
CA THR A 246 20.80 0.27 22.28
C THR A 246 19.95 1.54 22.16
N LEU A 247 18.93 1.52 21.31
CA LEU A 247 18.13 2.72 21.05
C LEU A 247 16.69 2.55 21.50
N PRO A 248 16.49 2.40 22.81
CA PRO A 248 15.21 2.05 23.46
C PRO A 248 14.13 3.14 23.36
N TYR A 249 14.48 4.31 22.83
CA TYR A 249 13.50 5.38 22.68
C TYR A 249 12.61 5.17 21.46
N ALA A 250 13.14 4.37 20.53
CA ALA A 250 12.52 4.14 19.22
C ALA A 250 11.50 3.00 19.22
N ARG A 251 10.51 3.12 18.34
CA ARG A 251 9.55 2.07 18.09
C ARG A 251 10.24 0.83 17.50
N ASP A 252 9.94 -0.32 18.09
CA ASP A 252 10.53 -1.59 17.67
C ASP A 252 9.52 -2.35 16.78
N ARG A 253 9.57 -2.07 15.47
CA ARG A 253 8.52 -2.50 14.56
C ARG A 253 9.04 -3.10 13.26
N VAL A 254 9.98 -4.04 13.33
CA VAL A 254 10.52 -4.53 12.08
C VAL A 254 9.53 -5.48 11.39
N VAL A 255 8.64 -6.09 12.18
CA VAL A 255 7.68 -7.00 11.57
C VAL A 255 6.67 -6.14 10.83
N GLU A 256 6.23 -5.06 11.48
CA GLU A 256 5.29 -4.12 10.87
C GLU A 256 5.87 -3.49 9.60
N CYS A 257 7.19 -3.31 9.60
CA CYS A 257 7.91 -2.75 8.45
C CYS A 257 8.01 -3.76 7.35
N TYR A 258 8.16 -5.04 7.72
CA TYR A 258 8.17 -6.07 6.69
C TYR A 258 6.79 -6.19 6.06
N PHE A 259 5.75 -6.08 6.90
CA PHE A 259 4.40 -6.08 6.37
C PHE A 259 4.25 -4.96 5.32
N TRP A 260 4.80 -3.79 5.61
CA TRP A 260 4.73 -2.64 4.69
C TRP A 260 5.38 -3.02 3.37
N ALA A 261 6.60 -3.54 3.44
CA ALA A 261 7.32 -4.00 2.26
C ALA A 261 6.53 -5.05 1.47
N LEU A 262 5.80 -5.91 2.19
CA LEU A 262 5.07 -6.99 1.56
C LEU A 262 3.84 -6.45 0.84
N GLY A 263 3.24 -5.41 1.42
CA GLY A 263 2.17 -4.69 0.76
C GLY A 263 2.58 -4.03 -0.55
N VAL A 264 3.84 -3.56 -0.62
CA VAL A 264 4.35 -2.90 -1.81
C VAL A 264 4.54 -3.88 -2.96
N TYR A 265 5.11 -5.03 -2.67
CA TYR A 265 5.07 -6.15 -3.62
C TYR A 265 5.20 -7.47 -2.88
N PHE A 266 4.46 -8.46 -3.33
CA PHE A 266 4.48 -9.78 -2.69
C PHE A 266 5.07 -10.86 -3.61
N GLU A 267 5.10 -10.59 -4.91
CA GLU A 267 5.59 -11.55 -5.91
C GLU A 267 7.00 -12.05 -5.57
N PRO A 268 7.29 -13.31 -5.92
CA PRO A 268 8.59 -13.90 -5.55
C PRO A 268 9.74 -13.18 -6.25
N GLN A 269 9.47 -12.65 -7.44
CA GLN A 269 10.51 -11.97 -8.21
C GLN A 269 11.02 -10.69 -7.54
N TYR A 270 10.31 -10.23 -6.49
CA TYR A 270 10.64 -8.97 -5.82
C TYR A 270 11.19 -9.24 -4.44
N SER A 271 11.68 -10.45 -4.25
CA SER A 271 12.24 -10.86 -2.96
C SER A 271 13.45 -10.01 -2.58
N GLN A 272 14.37 -9.82 -3.52
CA GLN A 272 15.53 -9.00 -3.23
C GLN A 272 15.08 -7.60 -2.85
N ALA A 273 14.20 -7.04 -3.68
CA ALA A 273 13.64 -5.70 -3.50
C ALA A 273 12.92 -5.52 -2.16
N ARG A 274 12.17 -6.54 -1.70
CA ARG A 274 11.43 -6.44 -0.45
C ARG A 274 12.37 -6.38 0.72
N VAL A 275 13.40 -7.21 0.67
CA VAL A 275 14.38 -7.22 1.74
C VAL A 275 15.15 -5.88 1.85
N MET A 276 15.60 -5.34 0.72
CA MET A 276 16.26 -4.02 0.79
C MET A 276 15.28 -3.02 1.38
N LEU A 277 14.06 -2.99 0.84
CA LEU A 277 13.07 -1.99 1.20
C LEU A 277 12.74 -1.99 2.66
N VAL A 278 12.47 -3.16 3.23
CA VAL A 278 12.09 -3.22 4.63
C VAL A 278 13.21 -2.76 5.54
N LYS A 279 14.47 -3.00 5.15
CA LYS A 279 15.62 -2.48 5.92
C LYS A 279 15.60 -0.95 6.02
N THR A 280 15.43 -0.29 4.88
CA THR A 280 15.26 1.16 4.82
C THR A 280 14.09 1.63 5.70
N ILE A 281 12.96 0.92 5.64
CA ILE A 281 11.79 1.35 6.40
C ILE A 281 12.10 1.35 7.89
N SER A 282 12.65 0.23 8.36
CA SER A 282 13.14 0.09 9.73
C SER A 282 14.04 1.24 10.13
N MET A 283 15.10 1.42 9.35
CA MET A 283 16.08 2.48 9.62
C MET A 283 15.44 3.85 9.68
N ILE A 284 14.63 4.20 8.68
CA ILE A 284 14.06 5.54 8.68
C ILE A 284 13.11 5.67 9.87
N SER A 285 12.49 4.58 10.29
CA SER A 285 11.59 4.68 11.42
C SER A 285 12.38 5.12 12.64
N ILE A 286 13.63 4.66 12.71
CA ILE A 286 14.51 5.00 13.82
C ILE A 286 14.79 6.49 13.81
N VAL A 287 15.30 7.00 12.69
CA VAL A 287 15.54 8.42 12.56
C VAL A 287 14.30 9.23 12.96
N ASP A 288 13.13 8.81 12.51
CA ASP A 288 11.89 9.55 12.80
C ASP A 288 11.67 9.69 14.31
N ASP A 289 11.80 8.58 15.02
CA ASP A 289 11.66 8.57 16.47
C ASP A 289 12.73 9.46 17.14
N THR A 290 13.94 9.42 16.59
CA THR A 290 15.07 10.21 17.06
C THR A 290 14.75 11.69 17.10
N PHE A 291 14.36 12.25 15.96
CA PHE A 291 13.98 13.66 15.91
C PHE A 291 12.81 13.94 16.81
N ASP A 292 11.87 12.99 16.85
CA ASP A 292 10.54 13.25 17.36
C ASP A 292 10.33 12.87 18.84
N ALA A 293 11.13 11.93 19.34
CA ALA A 293 10.85 11.39 20.67
C ALA A 293 12.06 11.28 21.59
N TYR A 294 13.13 12.00 21.29
CA TYR A 294 14.34 11.85 22.11
C TYR A 294 15.38 12.97 21.97
N GLY A 295 16.08 13.00 20.83
CA GLY A 295 17.15 13.97 20.60
C GLY A 295 16.77 15.44 20.76
N THR A 296 17.76 16.26 21.13
CA THR A 296 17.56 17.69 21.38
C THR A 296 17.76 18.55 20.13
N VAL A 297 17.16 19.73 20.15
CA VAL A 297 17.32 20.69 19.05
C VAL A 297 18.78 20.78 18.61
N LYS A 298 19.68 20.82 19.58
CA LYS A 298 21.11 20.88 19.33
C LYS A 298 21.65 19.63 18.62
N GLU A 299 21.28 18.45 19.12
CA GLU A 299 21.77 17.19 18.56
C GLU A 299 21.23 16.92 17.15
N LEU A 300 20.01 17.36 16.91
CA LEU A 300 19.38 17.11 15.62
C LEU A 300 20.13 17.85 14.51
N GLU A 301 20.59 19.06 14.83
CA GLU A 301 21.34 19.86 13.87
C GLU A 301 22.60 19.10 13.41
N ALA A 302 23.37 18.59 14.38
CA ALA A 302 24.56 17.81 14.08
C ALA A 302 24.20 16.61 13.21
N TYR A 303 23.07 15.99 13.55
CA TYR A 303 22.57 14.84 12.80
C TYR A 303 22.28 15.18 11.33
N THR A 304 21.42 16.17 11.12
CA THR A 304 21.05 16.59 9.77
C THR A 304 22.32 16.87 8.98
N ASP A 305 23.17 17.72 9.56
CA ASP A 305 24.42 18.11 8.96
C ASP A 305 25.24 16.91 8.50
N ALA A 306 25.44 15.97 9.41
CA ALA A 306 26.19 14.76 9.10
C ALA A 306 25.53 14.00 7.95
N ILE A 307 24.21 13.83 8.03
CA ILE A 307 23.48 13.14 6.96
C ILE A 307 23.72 13.79 5.60
N GLN A 308 23.67 15.13 5.56
CA GLN A 308 23.91 15.86 4.30
C GLN A 308 25.34 15.66 3.78
N ARG A 309 26.31 15.59 4.70
CA ARG A 309 27.71 15.36 4.33
C ARG A 309 27.98 13.90 3.96
N TRP A 310 27.40 12.97 4.73
CA TRP A 310 27.38 11.56 4.34
C TRP A 310 28.77 10.98 4.21
N ASP A 311 29.49 10.96 5.33
N ASP A 311 29.51 11.00 5.31
CA ASP A 311 30.82 10.36 5.39
CA ASP A 311 30.83 10.36 5.40
C ASP A 311 31.15 10.09 6.86
C ASP A 311 31.06 10.05 6.87
N ILE A 312 31.62 8.87 7.14
CA ILE A 312 31.83 8.42 8.53
C ILE A 312 32.64 9.40 9.39
N ASN A 313 33.63 10.05 8.77
CA ASN A 313 34.41 11.07 9.47
C ASN A 313 33.56 11.97 10.39
N GLU A 314 32.27 12.07 10.11
CA GLU A 314 31.41 12.98 10.86
C GLU A 314 30.86 12.38 12.16
N ILE A 315 30.95 11.06 12.31
CA ILE A 315 30.45 10.39 13.51
C ILE A 315 30.84 11.14 14.78
N ASP A 316 32.12 11.46 14.90
CA ASP A 316 32.70 12.05 16.11
C ASP A 316 31.99 13.34 16.51
N ARG A 317 31.39 13.98 15.52
CA ARG A 317 30.65 15.22 15.72
C ARG A 317 29.27 14.94 16.33
N LEU A 318 28.91 13.65 16.36
CA LEU A 318 27.60 13.25 16.86
C LEU A 318 27.72 12.55 18.20
N PRO A 319 26.75 12.78 19.10
CA PRO A 319 26.68 12.08 20.40
C PRO A 319 26.72 10.56 20.21
N ASP A 320 27.10 9.83 21.26
CA ASP A 320 27.37 8.40 21.12
C ASP A 320 26.23 7.59 20.47
N TYR A 321 24.99 7.95 20.78
CA TYR A 321 23.85 7.16 20.31
C TYR A 321 23.50 7.43 18.84
N MET A 322 23.79 8.63 18.38
CA MET A 322 23.54 8.98 16.98
C MET A 322 24.63 8.38 16.10
N LYS A 323 25.77 8.08 16.72
CA LYS A 323 26.85 7.38 16.02
C LYS A 323 26.35 6.00 15.59
N ILE A 324 25.55 5.37 16.45
CA ILE A 324 24.96 4.06 16.15
C ILE A 324 24.05 4.13 14.92
N SER A 325 22.98 4.94 15.00
CA SER A 325 22.11 5.17 13.85
C SER A 325 22.97 5.49 12.63
N TYR A 326 23.82 6.50 12.77
CA TYR A 326 24.54 7.06 11.64
C TYR A 326 25.41 6.04 10.90
N LYS A 327 26.14 5.22 11.65
CA LYS A 327 26.99 4.21 11.02
C LYS A 327 26.15 3.12 10.37
N ALA A 328 25.15 2.65 11.10
CA ALA A 328 24.23 1.65 10.54
C ALA A 328 23.67 2.13 9.22
N ILE A 329 23.18 3.36 9.21
CA ILE A 329 22.65 3.97 8.00
C ILE A 329 23.68 3.88 6.87
N LEU A 330 24.89 4.37 7.14
CA LEU A 330 25.93 4.41 6.12
C LEU A 330 26.30 3.02 5.64
N ASP A 331 26.37 2.06 6.58
CA ASP A 331 26.64 0.67 6.22
C ASP A 331 25.54 0.10 5.36
N LEU A 332 24.29 0.30 5.78
CA LEU A 332 23.17 -0.24 5.05
C LEU A 332 23.34 0.08 3.58
N TYR A 333 23.71 1.33 3.29
CA TYR A 333 23.81 1.78 1.90
C TYR A 333 25.03 1.21 1.18
N LYS A 334 26.10 0.95 1.93
CA LYS A 334 27.22 0.24 1.34
C LYS A 334 26.85 -1.23 1.08
N ASP A 335 26.11 -1.85 2.01
CA ASP A 335 25.51 -3.17 1.75
C ASP A 335 24.75 -3.18 0.42
N TYR A 336 23.79 -2.26 0.28
CA TYR A 336 22.99 -2.18 -0.94
C TYR A 336 23.90 -2.12 -2.18
N GLU A 337 24.96 -1.31 -2.07
CA GLU A 337 25.91 -1.13 -3.16
C GLU A 337 26.54 -2.46 -3.53
N LYS A 338 26.88 -3.26 -2.51
CA LYS A 338 27.44 -4.59 -2.72
C LYS A 338 26.43 -5.51 -3.42
N GLU A 339 25.22 -5.58 -2.87
CA GLU A 339 24.16 -6.45 -3.42
C GLU A 339 23.86 -6.15 -4.88
N LEU A 340 24.01 -4.88 -5.26
CA LEU A 340 23.70 -4.46 -6.62
C LEU A 340 24.94 -4.52 -7.53
N SER A 341 26.12 -4.63 -6.93
CA SER A 341 27.37 -4.71 -7.67
C SER A 341 27.34 -5.89 -8.64
N SER A 342 26.93 -7.04 -8.11
CA SER A 342 26.71 -8.23 -8.92
C SER A 342 26.18 -7.91 -10.33
N ALA A 343 25.13 -7.10 -10.41
CA ALA A 343 24.46 -6.85 -11.70
C ALA A 343 24.83 -5.52 -12.32
N GLY A 344 25.74 -4.79 -11.68
CA GLY A 344 26.23 -3.53 -12.23
C GLY A 344 25.23 -2.40 -12.13
N ARG A 345 24.24 -2.60 -11.27
CA ARG A 345 23.23 -1.59 -10.99
C ARG A 345 23.52 -0.95 -9.63
N SER A 346 24.78 -0.62 -9.37
CA SER A 346 25.19 -0.17 -8.04
C SER A 346 25.08 1.35 -7.87
N HIS A 347 25.19 2.07 -8.97
CA HIS A 347 25.16 3.52 -8.94
C HIS A 347 23.82 4.07 -8.47
N ILE A 348 22.76 3.31 -8.71
CA ILE A 348 21.40 3.80 -8.49
C ILE A 348 21.08 4.04 -7.02
N VAL A 349 21.94 3.57 -6.12
CA VAL A 349 21.70 3.80 -4.70
C VAL A 349 21.62 5.29 -4.38
N CYS A 350 22.33 6.11 -5.15
CA CYS A 350 22.44 7.54 -4.84
C CYS A 350 21.07 8.25 -4.90
N HIS A 351 20.19 7.80 -5.78
CA HIS A 351 18.84 8.35 -5.83
C HIS A 351 18.13 8.14 -4.49
N ALA A 352 18.23 6.94 -3.93
CA ALA A 352 17.63 6.68 -2.63
C ALA A 352 18.27 7.53 -1.53
N ILE A 353 19.59 7.68 -1.58
CA ILE A 353 20.31 8.47 -0.57
C ILE A 353 19.89 9.95 -0.59
N GLU A 354 19.89 10.54 -1.79
CA GLU A 354 19.43 11.92 -1.98
C GLU A 354 18.06 12.17 -1.38
N ARG A 355 17.18 11.18 -1.50
CA ARG A 355 15.84 11.26 -0.96
C ARG A 355 15.86 11.12 0.55
N MET A 356 16.81 10.36 1.08
CA MET A 356 16.91 10.27 2.53
C MET A 356 17.41 11.59 3.11
N LYS A 357 18.41 12.19 2.46
CA LYS A 357 18.93 13.48 2.90
C LYS A 357 17.78 14.48 2.99
N GLU A 358 16.97 14.50 1.92
CA GLU A 358 15.77 15.35 1.86
C GLU A 358 14.83 15.15 3.04
N VAL A 359 14.53 13.89 3.34
CA VAL A 359 13.66 13.60 4.47
C VAL A 359 14.24 14.22 5.75
N VAL A 360 15.52 14.01 6.01
CA VAL A 360 16.15 14.51 7.23
C VAL A 360 16.14 16.04 7.34
N ARG A 361 16.55 16.73 6.29
CA ARG A 361 16.41 18.17 6.25
C ARG A 361 15.04 18.58 6.77
N ASN A 362 14.00 17.94 6.22
CA ASN A 362 12.64 18.34 6.54
C ASN A 362 12.21 17.92 7.95
N TYR A 363 12.83 16.87 8.46
CA TYR A 363 12.67 16.50 9.86
C TYR A 363 13.22 17.63 10.74
N ASN A 364 14.42 18.08 10.38
CA ASN A 364 15.04 19.15 11.13
C ASN A 364 14.19 20.43 11.12
N VAL A 365 13.66 20.77 9.95
CA VAL A 365 12.76 21.92 9.86
C VAL A 365 11.57 21.75 10.78
N GLU A 366 10.98 20.56 10.73
CA GLU A 366 9.78 20.22 11.50
C GLU A 366 10.05 20.41 13.00
N SER A 367 11.30 20.14 13.38
CA SER A 367 11.75 20.29 14.76
C SER A 367 11.91 21.77 15.15
N THR A 368 12.62 22.51 14.31
CA THR A 368 12.74 23.95 14.49
C THR A 368 11.36 24.58 14.69
N TRP A 369 10.40 24.17 13.88
CA TRP A 369 9.07 24.76 13.99
C TRP A 369 8.46 24.42 15.34
N PHE A 370 8.80 23.25 15.85
CA PHE A 370 8.23 22.81 17.11
C PHE A 370 8.75 23.64 18.28
N ILE A 371 10.07 23.82 18.32
CA ILE A 371 10.69 24.67 19.35
C ILE A 371 10.13 26.09 19.34
N GLU A 372 10.09 26.70 18.15
CA GLU A 372 9.68 28.09 18.01
C GLU A 372 8.18 28.26 18.23
N GLY A 373 7.44 27.16 18.18
CA GLY A 373 6.00 27.21 18.27
C GLY A 373 5.40 27.78 16.99
N TYR A 374 6.13 27.59 15.89
CA TYR A 374 5.69 28.11 14.61
C TYR A 374 4.54 27.30 14.03
N THR A 375 3.48 28.00 13.66
CA THR A 375 2.33 27.38 13.00
C THR A 375 2.18 27.90 11.57
N PRO A 376 2.85 27.25 10.60
CA PRO A 376 2.83 27.75 9.21
C PRO A 376 1.43 27.81 8.58
N PRO A 377 1.28 28.57 7.48
CA PRO A 377 0.09 28.41 6.65
C PRO A 377 0.17 27.06 5.94
N VAL A 378 -0.97 26.49 5.53
CA VAL A 378 -0.97 25.11 5.04
C VAL A 378 -0.01 24.93 3.87
N SER A 379 0.07 25.96 3.04
CA SER A 379 0.95 25.94 1.89
C SER A 379 2.36 25.57 2.33
N GLU A 380 2.88 26.34 3.29
CA GLU A 380 4.24 26.19 3.76
C GLU A 380 4.39 24.89 4.52
N TYR A 381 3.36 24.56 5.29
CA TYR A 381 3.38 23.30 6.04
C TYR A 381 3.56 22.09 5.11
N LEU A 382 2.75 22.02 4.06
CA LEU A 382 2.82 20.96 3.08
C LEU A 382 4.16 20.94 2.37
N SER A 383 4.64 22.12 1.98
CA SER A 383 5.92 22.17 1.30
C SER A 383 6.97 21.44 2.14
N ASN A 384 6.78 21.42 3.45
CA ASN A 384 7.71 20.66 4.31
C ASN A 384 7.21 19.26 4.69
N ALA A 385 5.93 19.14 5.03
CA ALA A 385 5.39 17.90 5.57
C ALA A 385 5.26 16.75 4.56
N LEU A 386 5.12 17.05 3.28
CA LEU A 386 4.99 15.98 2.31
C LEU A 386 6.17 15.01 2.36
N ALA A 387 7.38 15.53 2.34
CA ALA A 387 8.55 14.63 2.34
C ALA A 387 8.74 13.89 3.65
N THR A 388 8.28 14.45 4.76
CA THR A 388 8.44 13.77 6.07
C THR A 388 7.51 12.55 6.25
N THR A 389 6.66 12.26 5.27
CA THR A 389 5.92 11.00 5.24
C THR A 389 6.92 9.89 4.98
N THR A 390 8.01 10.26 4.31
CA THR A 390 9.05 9.34 3.84
C THR A 390 8.65 8.70 2.52
N TYR A 391 7.51 9.10 1.99
CA TYR A 391 6.97 8.41 0.83
C TYR A 391 7.74 8.63 -0.47
N TYR A 392 8.26 9.84 -0.70
CA TYR A 392 9.12 10.03 -1.86
C TYR A 392 10.29 9.07 -1.73
N TYR A 393 10.76 8.96 -0.50
CA TYR A 393 11.89 8.13 -0.13
C TYR A 393 11.60 6.61 -0.32
N LEU A 394 10.48 6.14 0.22
CA LEU A 394 10.17 4.70 0.12
C LEU A 394 9.93 4.29 -1.32
N ALA A 395 9.25 5.14 -2.08
CA ALA A 395 8.93 4.82 -3.45
C ALA A 395 10.23 4.67 -4.24
N THR A 396 11.14 5.60 -4.04
CA THR A 396 12.43 5.52 -4.69
C THR A 396 13.14 4.24 -4.28
N THR A 397 13.18 4.01 -2.97
CA THR A 397 13.79 2.80 -2.41
C THR A 397 13.20 1.51 -2.98
N SER A 398 11.90 1.53 -3.29
CA SER A 398 11.25 0.32 -3.74
C SER A 398 11.77 -0.14 -5.09
N TYR A 399 12.39 0.78 -5.85
CA TYR A 399 12.96 0.42 -7.16
C TYR A 399 14.36 -0.25 -7.08
N LEU A 400 15.05 -0.09 -5.97
CA LEU A 400 16.42 -0.59 -5.86
C LEU A 400 16.51 -2.05 -6.26
N GLY A 401 15.71 -2.89 -5.60
CA GLY A 401 15.76 -4.32 -5.81
C GLY A 401 15.11 -4.81 -7.08
N MET A 402 14.54 -3.88 -7.86
CA MET A 402 13.79 -4.27 -9.04
C MET A 402 14.72 -4.33 -10.25
N LYS A 403 14.99 -5.55 -10.71
CA LYS A 403 16.05 -5.78 -11.69
C LYS A 403 15.84 -5.01 -12.99
N SER A 404 14.59 -4.72 -13.32
CA SER A 404 14.29 -4.05 -14.57
C SER A 404 14.29 -2.49 -14.49
N ALA A 405 14.40 -1.95 -13.29
CA ALA A 405 14.42 -0.50 -13.12
C ALA A 405 15.67 0.13 -13.74
N THR A 406 15.46 1.14 -14.58
CA THR A 406 16.55 1.81 -15.29
C THR A 406 16.75 3.23 -14.78
N GLU A 407 17.72 3.94 -15.35
CA GLU A 407 18.00 5.31 -14.93
C GLU A 407 16.86 6.23 -15.28
N GLN A 408 16.24 5.99 -16.44
CA GLN A 408 15.12 6.81 -16.89
C GLN A 408 13.94 6.67 -15.93
N ASP A 409 13.85 5.54 -15.25
CA ASP A 409 12.76 5.34 -14.31
C ASP A 409 13.00 6.20 -13.09
N PHE A 410 14.24 6.25 -12.60
CA PHE A 410 14.56 7.11 -11.45
C PHE A 410 14.48 8.59 -11.82
N GLU A 411 14.88 8.92 -13.05
N GLU A 411 14.82 8.92 -13.06
CA GLU A 411 14.72 10.28 -13.55
CA GLU A 411 14.74 10.31 -13.52
C GLU A 411 13.28 10.70 -13.39
C GLU A 411 13.29 10.81 -13.62
N TRP A 412 12.38 9.89 -13.93
CA TRP A 412 10.95 10.19 -13.88
C TRP A 412 10.53 10.41 -12.43
N LEU A 413 10.94 9.51 -11.56
CA LEU A 413 10.50 9.54 -10.17
C LEU A 413 11.01 10.80 -9.50
N SER A 414 12.25 11.16 -9.81
CA SER A 414 12.89 12.32 -9.17
C SER A 414 12.14 13.63 -9.41
N LYS A 415 11.43 13.72 -10.54
CA LYS A 415 10.68 14.93 -10.86
C LYS A 415 9.38 15.09 -10.06
N ASN A 416 9.16 14.19 -9.10
CA ASN A 416 7.90 14.17 -8.35
C ASN A 416 6.69 14.08 -9.27
N PRO A 417 6.58 12.98 -10.01
CA PRO A 417 5.43 12.85 -10.91
C PRO A 417 4.14 12.85 -10.10
N LYS A 418 3.05 13.17 -10.76
CA LYS A 418 1.77 13.40 -10.10
C LYS A 418 1.28 12.19 -9.29
N ILE A 419 1.49 10.99 -9.81
CA ILE A 419 1.01 9.78 -9.13
C ILE A 419 1.72 9.63 -7.78
N LEU A 420 3.01 9.97 -7.75
CA LEU A 420 3.79 9.92 -6.50
C LEU A 420 3.37 11.01 -5.52
N GLU A 421 3.11 12.22 -6.01
CA GLU A 421 2.64 13.29 -5.13
C GLU A 421 1.32 12.90 -4.47
N ALA A 422 0.43 12.28 -5.25
CA ALA A 422 -0.87 11.84 -4.75
C ALA A 422 -0.74 10.83 -3.62
N SER A 423 0.13 9.86 -3.83
CA SER A 423 0.39 8.85 -2.83
C SER A 423 0.98 9.48 -1.54
N VAL A 424 1.90 10.41 -1.75
CA VAL A 424 2.48 11.17 -0.67
C VAL A 424 1.46 12.01 0.11
N ILE A 425 0.55 12.63 -0.61
CA ILE A 425 -0.51 13.44 0.02
C ILE A 425 -1.46 12.56 0.84
N ILE A 426 -1.84 11.41 0.30
CA ILE A 426 -2.73 10.48 0.98
C ILE A 426 -2.10 10.07 2.29
N CYS A 427 -0.83 9.69 2.26
CA CYS A 427 -0.16 9.33 3.49
C CYS A 427 -0.14 10.50 4.50
N ARG A 428 0.23 11.68 4.03
CA ARG A 428 0.34 12.87 4.88
C ARG A 428 -0.97 13.18 5.56
N VAL A 429 -1.99 13.41 4.74
CA VAL A 429 -3.31 13.73 5.21
C VAL A 429 -3.93 12.67 6.15
N ILE A 430 -3.65 11.39 5.90
CA ILE A 430 -4.23 10.34 6.74
C ILE A 430 -3.52 10.28 8.08
N ASP A 431 -2.19 10.40 8.05
N ASP A 431 -2.20 10.39 8.05
CA ASP A 431 -1.41 10.37 9.27
CA ASP A 431 -1.41 10.38 9.26
C ASP A 431 -1.76 11.54 10.17
C ASP A 431 -1.81 11.54 10.17
N ASP A 432 -2.07 12.69 9.56
CA ASP A 432 -2.41 13.91 10.32
C ASP A 432 -3.78 13.84 10.96
N THR A 433 -4.70 13.14 10.32
CA THR A 433 -6.06 13.04 10.86
C THR A 433 -6.05 12.07 12.02
N ALA A 434 -5.27 11.00 11.86
CA ALA A 434 -5.20 9.92 12.83
C ALA A 434 -4.44 10.34 14.07
N THR A 435 -3.42 11.17 13.88
CA THR A 435 -2.56 11.54 14.99
C THR A 435 -2.81 12.95 15.50
N TYR A 436 -3.96 13.54 15.17
CA TYR A 436 -4.24 14.89 15.62
C TYR A 436 -4.19 14.97 17.15
N GLU A 437 -5.02 14.18 17.84
CA GLU A 437 -5.15 14.34 19.28
C GLU A 437 -3.85 14.10 20.08
N VAL A 438 -3.24 12.93 19.91
CA VAL A 438 -2.06 12.56 20.70
C VAL A 438 -0.90 13.55 20.59
N GLU A 439 -0.64 14.04 19.37
CA GLU A 439 0.43 15.01 19.16
C GLU A 439 0.05 16.40 19.70
N LYS A 440 -1.24 16.74 19.68
CA LYS A 440 -1.74 18.03 20.18
C LYS A 440 -1.66 18.15 21.70
N SER A 441 -1.88 17.03 22.39
CA SER A 441 -1.79 16.96 23.84
C SER A 441 -0.33 16.88 24.30
N ARG A 442 0.56 16.54 23.37
CA ARG A 442 1.99 16.43 23.66
C ARG A 442 2.76 17.71 23.30
N GLY A 443 2.03 18.82 23.22
CA GLY A 443 2.64 20.13 23.04
C GLY A 443 2.90 20.51 21.59
N GLN A 444 2.21 19.83 20.67
CA GLN A 444 2.41 20.10 19.25
C GLN A 444 1.51 21.23 18.76
N ILE A 445 2.12 22.18 18.06
CA ILE A 445 1.42 23.34 17.56
C ILE A 445 1.54 23.43 16.04
N ALA A 446 2.54 22.74 15.48
CA ALA A 446 2.75 22.72 14.03
C ALA A 446 1.95 21.62 13.33
N THR A 447 1.07 20.93 14.07
CA THR A 447 0.29 19.82 13.49
C THR A 447 -0.42 20.25 12.22
N GLY A 448 -0.43 19.36 11.23
CA GLY A 448 -1.07 19.67 9.96
C GLY A 448 -2.49 20.20 10.14
N ILE A 449 -3.24 19.61 11.05
CA ILE A 449 -4.63 20.00 11.26
C ILE A 449 -4.75 21.37 11.94
N GLU A 450 -3.80 21.71 12.81
CA GLU A 450 -3.77 23.03 13.44
C GLU A 450 -3.52 24.10 12.37
N CYS A 451 -2.44 23.94 11.62
CA CYS A 451 -2.14 24.83 10.50
C CYS A 451 -3.38 25.06 9.65
N CYS A 452 -4.15 23.98 9.46
CA CYS A 452 -5.32 24.06 8.58
C CYS A 452 -6.47 24.83 9.23
N MET A 453 -6.61 24.69 10.55
CA MET A 453 -7.61 25.45 11.30
C MET A 453 -7.25 26.93 11.38
N ARG A 454 -6.03 27.21 11.84
CA ARG A 454 -5.52 28.57 11.94
C ARG A 454 -5.44 29.32 10.59
N ASP A 455 -5.10 28.59 9.53
CA ASP A 455 -4.95 29.21 8.21
C ASP A 455 -6.29 29.65 7.63
N TYR A 456 -7.25 28.73 7.60
CA TYR A 456 -8.54 28.96 6.95
C TYR A 456 -9.57 29.53 7.91
N GLY A 457 -9.29 29.40 9.20
CA GLY A 457 -10.22 29.83 10.25
C GLY A 457 -11.41 28.90 10.32
N ILE A 458 -11.15 27.63 10.63
CA ILE A 458 -12.19 26.60 10.63
C ILE A 458 -12.01 25.59 11.78
N SER A 459 -13.10 24.93 12.15
CA SER A 459 -13.11 24.05 13.33
C SER A 459 -12.20 22.85 13.13
N THR A 460 -11.94 22.12 14.21
CA THR A 460 -11.14 20.91 14.12
C THR A 460 -11.78 19.92 13.14
N LYS A 461 -13.10 19.95 13.06
CA LYS A 461 -13.84 19.01 12.21
C LYS A 461 -13.85 19.49 10.76
N GLU A 462 -14.05 20.79 10.56
CA GLU A 462 -14.01 21.39 9.22
C GLU A 462 -12.65 21.15 8.57
N ALA A 463 -11.61 21.10 9.41
CA ALA A 463 -10.25 20.88 8.94
C ALA A 463 -10.02 19.40 8.65
N MET A 464 -10.62 18.55 9.48
CA MET A 464 -10.63 17.11 9.23
C MET A 464 -11.20 16.83 7.83
N ALA A 465 -12.30 17.49 7.49
CA ALA A 465 -12.98 17.26 6.21
C ALA A 465 -12.18 17.74 4.99
N LYS A 466 -11.60 18.93 5.07
CA LYS A 466 -10.80 19.44 3.96
C LYS A 466 -9.66 18.47 3.65
N PHE A 467 -9.04 17.95 4.70
CA PHE A 467 -7.99 16.95 4.55
C PHE A 467 -8.53 15.66 3.86
N GLN A 468 -9.73 15.22 4.21
CA GLN A 468 -10.33 14.08 3.53
C GLN A 468 -10.44 14.33 2.02
N ASN A 469 -10.88 15.52 1.65
CA ASN A 469 -10.98 15.90 0.24
C ASN A 469 -9.68 15.78 -0.49
N MET A 470 -8.60 16.20 0.17
CA MET A 470 -7.30 16.18 -0.46
C MET A 470 -6.96 14.74 -0.80
N ALA A 471 -7.19 13.86 0.17
CA ALA A 471 -6.97 12.43 -0.02
C ALA A 471 -7.83 11.88 -1.16
N GLU A 472 -9.07 12.33 -1.26
CA GLU A 472 -9.96 11.86 -2.30
C GLU A 472 -9.60 12.36 -3.69
N THR A 473 -9.23 13.63 -3.77
CA THR A 473 -8.63 14.19 -4.97
C THR A 473 -7.41 13.36 -5.35
N ALA A 474 -6.57 13.09 -4.36
CA ALA A 474 -5.35 12.30 -4.56
C ALA A 474 -5.64 10.91 -5.15
N TRP A 475 -6.64 10.21 -4.64
CA TRP A 475 -6.98 8.92 -5.23
C TRP A 475 -7.38 9.07 -6.70
N LYS A 476 -8.11 10.14 -7.02
CA LYS A 476 -8.53 10.31 -8.40
C LYS A 476 -7.32 10.52 -9.27
N ASP A 477 -6.30 11.16 -8.71
CA ASP A 477 -5.03 11.40 -9.41
C ASP A 477 -4.22 10.12 -9.59
N ILE A 478 -4.16 9.30 -8.53
CA ILE A 478 -3.55 8.00 -8.68
C ILE A 478 -4.27 7.24 -9.80
N ASN A 479 -5.59 7.17 -9.74
CA ASN A 479 -6.33 6.39 -10.71
C ASN A 479 -6.05 6.89 -12.11
N GLU A 480 -5.95 8.19 -12.26
CA GLU A 480 -5.68 8.78 -13.57
C GLU A 480 -4.23 8.48 -14.02
N GLY A 481 -3.32 8.39 -13.04
CA GLY A 481 -1.93 8.10 -13.31
C GLY A 481 -1.62 6.71 -13.83
N LEU A 482 -2.60 5.80 -13.74
CA LEU A 482 -2.41 4.41 -14.19
C LEU A 482 -2.86 4.23 -15.63
N LEU A 483 -3.50 5.25 -16.19
CA LEU A 483 -4.10 5.13 -17.53
C LEU A 483 -3.05 5.19 -18.62
N ARG A 484 -3.25 4.39 -19.66
CA ARG A 484 -2.31 4.38 -20.77
C ARG A 484 -2.51 5.60 -21.65
N PRO A 485 -1.42 6.07 -22.27
CA PRO A 485 -0.09 5.46 -22.10
C PRO A 485 0.58 5.95 -20.82
N THR A 486 1.29 5.05 -20.15
CA THR A 486 1.88 5.36 -18.85
C THR A 486 3.30 5.94 -19.03
N PRO A 487 3.71 6.85 -18.13
CA PRO A 487 5.00 7.54 -18.32
C PRO A 487 6.18 6.59 -18.12
N VAL A 488 5.97 5.54 -17.33
CA VAL A 488 6.93 4.46 -17.15
C VAL A 488 6.14 3.15 -17.13
N SER A 489 6.80 2.01 -17.25
CA SER A 489 6.04 0.78 -17.29
C SER A 489 5.22 0.58 -16.00
N THR A 490 4.08 -0.07 -16.13
CA THR A 490 3.14 -0.24 -15.03
C THR A 490 3.79 -0.82 -13.79
N GLU A 491 4.77 -1.68 -14.01
CA GLU A 491 5.52 -2.28 -12.92
C GLU A 491 6.11 -1.24 -11.96
N PHE A 492 6.33 -0.02 -12.45
CA PHE A 492 6.91 1.00 -11.57
C PHE A 492 5.89 1.96 -10.99
N LEU A 493 4.64 1.84 -11.45
CA LEU A 493 3.50 2.56 -10.89
C LEU A 493 2.89 1.79 -9.71
N THR A 494 2.86 0.47 -9.81
CA THR A 494 2.16 -0.34 -8.81
C THR A 494 2.71 -0.13 -7.39
N PRO A 495 4.04 0.01 -7.24
CA PRO A 495 4.52 0.18 -5.86
C PRO A 495 3.98 1.44 -5.22
N ILE A 496 3.70 2.45 -6.04
CA ILE A 496 3.28 3.76 -5.54
C ILE A 496 1.81 3.69 -5.18
N LEU A 497 1.05 2.97 -6.01
CA LEU A 497 -0.35 2.70 -5.73
C LEU A 497 -0.42 1.88 -4.45
N ASN A 498 0.37 0.81 -4.39
CA ASN A 498 0.48 0.00 -3.16
C ASN A 498 0.86 0.74 -1.86
N LEU A 499 1.81 1.67 -1.93
CA LEU A 499 2.12 2.57 -0.80
C LEU A 499 0.90 3.34 -0.29
N ALA A 500 0.07 3.82 -1.23
CA ALA A 500 -1.19 4.49 -0.90
C ALA A 500 -2.18 3.57 -0.21
N ARG A 501 -2.37 2.37 -0.76
CA ARG A 501 -3.18 1.31 -0.15
C ARG A 501 -2.82 1.01 1.30
N ILE A 502 -1.53 0.80 1.55
CA ILE A 502 -1.08 0.42 2.89
C ILE A 502 -1.44 1.47 3.93
N VAL A 503 -1.38 2.75 3.56
N VAL A 503 -1.32 2.74 3.54
CA VAL A 503 -1.68 3.75 4.56
CA VAL A 503 -1.68 3.85 4.41
C VAL A 503 -3.18 3.77 4.84
C VAL A 503 -3.14 3.71 4.81
N GLU A 504 -3.99 3.59 3.80
CA GLU A 504 -5.43 3.43 3.97
C GLU A 504 -5.80 2.26 4.88
N VAL A 505 -5.18 1.12 4.61
CA VAL A 505 -5.43 -0.12 5.35
C VAL A 505 -4.96 -0.04 6.83
N THR A 506 -3.84 0.64 7.05
CA THR A 506 -3.22 0.73 8.37
C THR A 506 -3.84 1.76 9.29
N TYR A 507 -4.38 2.83 8.70
CA TYR A 507 -5.01 3.90 9.46
C TYR A 507 -6.51 3.80 9.34
N ILE A 508 -6.99 2.62 8.96
CA ILE A 508 -8.43 2.37 8.86
C ILE A 508 -9.07 2.74 10.20
N HIS A 509 -10.26 3.31 10.17
CA HIS A 509 -10.91 3.73 11.42
C HIS A 509 -10.11 4.82 12.16
N ASN A 510 -9.16 5.43 11.45
CA ASN A 510 -8.49 6.63 11.96
C ASN A 510 -7.60 6.42 13.19
N LEU A 511 -6.72 5.43 13.13
CA LEU A 511 -5.87 5.09 14.26
C LEU A 511 -4.47 4.71 13.77
N ASP A 512 -3.44 5.22 14.42
CA ASP A 512 -2.06 4.96 13.99
C ASP A 512 -1.67 3.48 14.17
N GLY A 513 -2.04 2.66 13.21
CA GLY A 513 -1.82 1.23 13.30
C GLY A 513 -0.37 0.80 13.27
N TYR A 514 0.52 1.73 12.90
CA TYR A 514 1.93 1.39 12.91
C TYR A 514 2.50 1.53 14.31
N THR A 515 2.12 2.60 14.98
CA THR A 515 2.59 2.88 16.32
C THR A 515 1.85 2.00 17.32
N HIS A 516 0.58 1.70 17.01
CA HIS A 516 -0.25 0.80 17.83
C HIS A 516 -0.80 -0.36 17.00
N PRO A 517 0.09 -1.29 16.62
CA PRO A 517 -0.22 -2.39 15.68
C PRO A 517 -1.23 -3.42 16.19
N GLU A 518 -1.56 -3.41 17.46
CA GLU A 518 -2.33 -4.52 18.01
C GLU A 518 -3.71 -4.66 17.38
N LYS A 519 -4.47 -3.57 17.35
CA LYS A 519 -5.84 -3.65 16.83
C LYS A 519 -5.90 -4.12 15.39
N VAL A 520 -5.18 -3.46 14.50
CA VAL A 520 -5.33 -3.69 13.05
C VAL A 520 -4.24 -4.51 12.37
N LEU A 521 -2.98 -4.13 12.55
CA LEU A 521 -1.90 -4.81 11.86
C LEU A 521 -1.71 -6.26 12.32
N LYS A 522 -1.87 -6.50 13.61
CA LYS A 522 -1.63 -7.81 14.19
C LYS A 522 -2.39 -8.91 13.45
N PRO A 523 -3.72 -8.72 13.31
CA PRO A 523 -4.51 -9.72 12.56
C PRO A 523 -3.96 -9.93 11.16
N HIS A 524 -3.51 -8.85 10.51
CA HIS A 524 -3.04 -8.95 9.12
C HIS A 524 -1.77 -9.77 9.09
N ILE A 525 -0.88 -9.45 10.02
CA ILE A 525 0.41 -10.11 10.11
C ILE A 525 0.23 -11.58 10.44
N ILE A 526 -0.70 -11.86 11.34
CA ILE A 526 -1.04 -13.26 11.63
C ILE A 526 -1.53 -13.97 10.38
N ASN A 527 -2.51 -13.38 9.68
CA ASN A 527 -3.08 -14.04 8.52
C ASN A 527 -2.11 -14.17 7.36
N LEU A 528 -1.15 -13.25 7.29
CA LEU A 528 -0.25 -13.26 6.14
C LEU A 528 1.04 -14.01 6.42
N LEU A 529 1.46 -14.05 7.68
CA LEU A 529 2.82 -14.51 7.98
C LEU A 529 2.91 -15.58 9.09
N VAL A 530 1.83 -15.75 9.85
CA VAL A 530 1.79 -16.79 10.88
C VAL A 530 1.00 -18.02 10.40
N ASP A 531 -0.31 -17.87 10.20
CA ASP A 531 -1.19 -18.97 9.79
C ASP A 531 -1.21 -19.25 8.29
N SER A 532 -0.93 -20.50 7.93
CA SER A 532 -1.20 -21.00 6.58
C SER A 532 -2.71 -21.12 6.32
N ILE A 533 -3.09 -21.17 5.05
CA ILE A 533 -4.49 -21.36 4.69
C ILE A 533 -4.78 -22.85 4.78
N LYS A 534 -5.82 -23.20 5.54
CA LYS A 534 -6.16 -24.61 5.72
C LYS A 534 -6.66 -25.21 4.41
N ILE A 535 -5.96 -26.22 3.90
CA ILE A 535 -6.40 -26.91 2.69
C ILE A 535 -7.48 -27.96 3.03
#